data_7G0W
#
_entry.id   7G0W
#
_cell.length_a   38.947
_cell.length_b   106.685
_cell.length_c   56.261
_cell.angle_alpha   90.000
_cell.angle_beta   90.360
_cell.angle_gamma   90.000
#
_symmetry.space_group_name_H-M   'P 1 21 1'
#
loop_
_entity.id
_entity.type
_entity.pdbx_description
1 polymer 'Fatty acid-binding protein, liver'
2 non-polymer 'CHLORIDE ION'
3 non-polymer BENZAMIDINE
4 water water
#
_entity_poly.entity_id   1
_entity_poly.type   'polypeptide(L)'
_entity_poly.pdbx_seq_one_letter_code
;GSHMSFSGKYQLQSQENFEAFMKAIGLPEELIQKGKDIKGVSEIVQNGKHFKFTITAGSKVIQNEFTVGEECELETMTGE
KVKTVVQLEGDNKLVTTFKNIKSVTELNGDIITNTMTLGDIVFKRISKRI
;
_entity_poly.pdbx_strand_id   A,B,C,D
#
loop_
_chem_comp.id
_chem_comp.type
_chem_comp.name
_chem_comp.formula
BEN non-polymer BENZAMIDINE 'C7 H8 N2'
CL non-polymer 'CHLORIDE ION' 'Cl -1'
#
# COMPACT_ATOMS: atom_id res chain seq x y z
N MET A 4 -19.47 25.33 -21.66
CA MET A 4 -19.41 25.59 -20.21
C MET A 4 -18.03 25.28 -19.64
N SER A 5 -17.45 26.25 -18.94
CA SER A 5 -16.13 26.10 -18.33
C SER A 5 -16.24 25.22 -17.09
N PHE A 6 -15.40 24.19 -17.02
CA PHE A 6 -15.35 23.32 -15.85
C PHE A 6 -14.17 23.69 -14.98
N SER A 7 -13.29 24.54 -15.52
CA SER A 7 -12.03 24.87 -14.87
C SER A 7 -12.21 25.41 -13.46
N GLY A 8 -11.30 24.98 -12.57
CA GLY A 8 -11.23 25.54 -11.24
C GLY A 8 -10.70 24.57 -10.20
N LYS A 9 -10.59 25.07 -8.97
CA LYS A 9 -10.23 24.23 -7.83
C LYS A 9 -11.46 24.07 -6.96
N TYR A 10 -11.69 22.85 -6.50
CA TYR A 10 -12.91 22.52 -5.78
C TYR A 10 -12.59 21.86 -4.44
N GLN A 11 -13.20 22.38 -3.39
CA GLN A 11 -13.00 21.85 -2.06
C GLN A 11 -14.05 20.78 -1.77
N LEU A 12 -13.62 19.57 -1.45
CA LEU A 12 -14.57 18.53 -1.06
C LEU A 12 -15.31 18.97 0.21
N GLN A 13 -16.65 18.93 0.16
CA GLN A 13 -17.47 19.35 1.29
C GLN A 13 -17.98 18.13 2.05
N SER A 14 -18.53 17.17 1.33
CA SER A 14 -19.02 15.95 1.94
C SER A 14 -18.91 14.81 0.96
N GLN A 15 -18.96 13.59 1.46
CA GLN A 15 -19.01 12.44 0.59
C GLN A 15 -19.74 11.31 1.27
N GLU A 16 -19.94 10.23 0.54
CA GLU A 16 -20.77 9.13 0.98
C GLU A 16 -20.25 7.85 0.36
N ASN A 17 -20.08 6.83 1.20
CA ASN A 17 -19.65 5.51 0.74
C ASN A 17 -18.22 5.46 0.21
N PHE A 18 -17.38 6.36 0.70
CA PHE A 18 -15.96 6.29 0.45
C PHE A 18 -15.47 4.91 0.86
N GLU A 19 -15.76 4.54 2.11
CA GLU A 19 -15.22 3.32 2.68
C GLU A 19 -15.68 2.08 1.92
N ALA A 20 -16.98 1.99 1.69
CA ALA A 20 -17.53 0.85 0.97
C ALA A 20 -16.94 0.78 -0.43
N PHE A 21 -16.92 1.93 -1.12
CA PHE A 21 -16.43 1.97 -2.50
C PHE A 21 -14.94 1.60 -2.62
N MET A 22 -14.13 2.13 -1.71
CA MET A 22 -12.70 1.83 -1.74
C MET A 22 -12.50 0.34 -1.43
N LYS A 23 -13.36 -0.21 -0.57
CA LYS A 23 -13.30 -1.65 -0.27
C LYS A 23 -13.57 -2.53 -1.49
N ALA A 24 -14.60 -2.17 -2.28
CA ALA A 24 -15.01 -2.99 -3.43
C ALA A 24 -14.11 -2.89 -4.67
N ILE A 25 -13.24 -1.87 -4.72
CA ILE A 25 -12.28 -1.78 -5.83
C ILE A 25 -10.94 -2.35 -5.43
N GLY A 26 -10.80 -2.69 -4.14
CA GLY A 26 -9.63 -3.41 -3.67
C GLY A 26 -8.49 -2.57 -3.09
N LEU A 27 -8.82 -1.39 -2.58
CA LEU A 27 -7.82 -0.51 -1.96
C LEU A 27 -7.40 -1.10 -0.61
N PRO A 28 -6.08 -1.03 -0.29
CA PRO A 28 -5.60 -1.54 1.00
C PRO A 28 -6.35 -0.90 2.16
N GLU A 29 -6.68 -1.73 3.15
CA GLU A 29 -7.46 -1.30 4.30
C GLU A 29 -6.75 -0.16 5.03
N GLU A 30 -5.43 -0.24 5.08
CA GLU A 30 -4.58 0.78 5.69
C GLU A 30 -4.86 2.15 5.06
N LEU A 31 -4.90 2.18 3.73
CA LEU A 31 -5.11 3.42 2.98
C LEU A 31 -6.54 3.95 3.13
N ILE A 32 -7.49 3.04 3.27
CA ILE A 32 -8.89 3.41 3.47
C ILE A 32 -9.05 4.16 4.80
N GLN A 33 -8.40 3.63 5.84
CA GLN A 33 -8.49 4.24 7.16
C GLN A 33 -7.83 5.61 7.16
N LYS A 34 -6.68 5.69 6.51
CA LYS A 34 -5.91 6.92 6.47
C LYS A 34 -6.64 7.99 5.67
N GLY A 35 -7.44 7.58 4.70
CA GLY A 35 -7.96 8.50 3.72
C GLY A 35 -9.40 8.96 3.86
N LYS A 36 -10.20 8.24 4.63
CA LYS A 36 -11.66 8.44 4.63
C LYS A 36 -12.15 9.84 4.98
N ASP A 37 -11.48 10.53 5.90
CA ASP A 37 -11.96 11.86 6.33
C ASP A 37 -11.10 13.02 5.81
N ILE A 38 -10.30 12.78 4.78
CA ILE A 38 -9.51 13.82 4.17
C ILE A 38 -10.34 14.56 3.13
N LYS A 39 -10.63 15.81 3.41
CA LYS A 39 -11.41 16.64 2.50
C LYS A 39 -10.47 17.64 1.87
N GLY A 40 -9.93 17.28 0.71
CA GLY A 40 -8.89 18.08 0.08
C GLY A 40 -9.40 18.86 -1.11
N VAL A 41 -8.50 19.45 -1.85
CA VAL A 41 -8.87 20.23 -3.03
C VAL A 41 -8.52 19.46 -4.29
N SER A 42 -9.47 19.39 -5.22
CA SER A 42 -9.21 18.83 -6.53
C SER A 42 -9.28 19.93 -7.60
N GLU A 43 -8.57 19.72 -8.71
CA GLU A 43 -8.52 20.74 -9.74
C GLU A 43 -8.87 20.22 -11.14
N ILE A 44 -9.59 21.04 -11.89
CA ILE A 44 -9.83 20.73 -13.28
C ILE A 44 -9.21 21.84 -14.10
N VAL A 45 -8.36 21.46 -15.04
CA VAL A 45 -7.90 22.36 -16.07
C VAL A 45 -8.50 21.94 -17.41
N GLN A 46 -9.41 22.76 -17.93
CA GLN A 46 -10.04 22.52 -19.22
C GLN A 46 -9.40 23.40 -20.29
N ASN A 47 -9.25 22.85 -21.49
CA ASN A 47 -8.75 23.60 -22.64
C ASN A 47 -9.43 23.07 -23.89
N GLY A 48 -10.53 23.72 -24.30
CA GLY A 48 -11.33 23.22 -25.40
C GLY A 48 -12.02 21.92 -24.99
N LYS A 49 -11.72 20.84 -25.71
CA LYS A 49 -12.31 19.54 -25.44
C LYS A 49 -11.39 18.73 -24.51
N HIS A 50 -10.21 19.28 -24.21
CA HIS A 50 -9.25 18.55 -23.39
C HIS A 50 -9.36 18.90 -21.91
N PHE A 51 -9.28 17.87 -21.06
CA PHE A 51 -9.40 18.06 -19.63
C PHE A 51 -8.24 17.42 -18.91
N LYS A 52 -7.67 18.13 -17.95
CA LYS A 52 -6.68 17.57 -17.05
C LYS A 52 -7.23 17.63 -15.63
N PHE A 53 -7.45 16.45 -15.05
CA PHE A 53 -8.02 16.33 -13.72
C PHE A 53 -6.96 15.91 -12.71
N THR A 54 -6.82 16.69 -11.64
CA THR A 54 -5.87 16.37 -10.56
C THR A 54 -6.70 16.15 -9.31
N ILE A 55 -6.87 14.89 -8.92
CA ILE A 55 -7.90 14.51 -7.96
C ILE A 55 -7.35 14.01 -6.63
N THR A 56 -7.63 14.76 -5.56
CA THR A 56 -7.31 14.31 -4.21
C THR A 56 -8.41 13.38 -3.75
N ALA A 57 -8.05 12.13 -3.51
CA ALA A 57 -9.01 11.15 -3.06
C ALA A 57 -8.36 10.30 -1.98
N GLY A 58 -8.78 10.51 -0.74
CA GLY A 58 -8.10 9.89 0.39
C GLY A 58 -6.68 10.42 0.49
N SER A 59 -5.73 9.52 0.71
CA SER A 59 -4.34 9.87 0.89
C SER A 59 -3.54 9.95 -0.41
N LYS A 60 -4.23 9.86 -1.55
CA LYS A 60 -3.56 9.88 -2.84
C LYS A 60 -4.05 11.03 -3.71
N VAL A 61 -3.15 11.54 -4.55
CA VAL A 61 -3.51 12.48 -5.61
C VAL A 61 -3.27 11.80 -6.95
N ILE A 62 -4.28 11.75 -7.80
CA ILE A 62 -4.12 11.11 -9.09
C ILE A 62 -4.39 12.10 -10.22
N GLN A 63 -3.50 12.12 -11.20
CA GLN A 63 -3.65 12.98 -12.36
C GLN A 63 -4.12 12.15 -13.57
N ASN A 64 -5.07 12.71 -14.31
CA ASN A 64 -5.66 12.04 -15.46
C ASN A 64 -6.02 13.08 -16.50
N GLU A 65 -5.90 12.71 -17.76
CA GLU A 65 -6.39 13.60 -18.79
C GLU A 65 -7.08 12.82 -19.88
N PHE A 66 -7.82 13.56 -20.70
CA PHE A 66 -8.59 13.00 -21.78
C PHE A 66 -9.12 14.14 -22.61
N THR A 67 -9.36 13.85 -23.88
CA THR A 67 -10.17 14.70 -24.73
C THR A 67 -11.52 14.01 -24.85
N VAL A 68 -12.60 14.76 -24.60
CA VAL A 68 -13.96 14.20 -24.68
C VAL A 68 -14.21 13.65 -26.09
N GLY A 69 -14.88 12.51 -26.15
CA GLY A 69 -15.19 11.89 -27.43
C GLY A 69 -14.11 10.99 -27.96
N GLU A 70 -12.86 11.28 -27.57
CA GLU A 70 -11.71 10.49 -27.98
C GLU A 70 -11.39 9.50 -26.88
N GLU A 71 -10.83 8.37 -27.28
CA GLU A 71 -10.42 7.36 -26.32
C GLU A 71 -9.31 7.86 -25.42
N CYS A 72 -9.33 7.44 -24.16
CA CYS A 72 -8.33 7.89 -23.21
C CYS A 72 -7.91 6.76 -22.30
N GLU A 73 -6.78 6.96 -21.64
CA GLU A 73 -6.32 5.99 -20.67
C GLU A 73 -6.33 6.64 -19.30
N LEU A 74 -7.09 6.05 -18.38
CA LEU A 74 -7.29 6.63 -17.07
C LEU A 74 -6.63 5.76 -16.02
N GLU A 75 -6.02 6.41 -15.04
CA GLU A 75 -5.44 5.72 -13.89
C GLU A 75 -6.47 5.69 -12.76
N THR A 76 -6.81 4.48 -12.28
CA THR A 76 -7.80 4.30 -11.24
C THR A 76 -7.18 4.44 -9.86
N MET A 77 -8.01 4.37 -8.82
CA MET A 77 -7.54 4.57 -7.45
CA MET A 77 -7.54 4.57 -7.45
C MET A 77 -6.54 3.51 -7.01
N THR A 78 -6.71 2.29 -7.51
CA THR A 78 -5.80 1.21 -7.19
C THR A 78 -4.50 1.32 -7.99
N GLY A 79 -4.48 2.23 -8.94
CA GLY A 79 -3.32 2.37 -9.81
C GLY A 79 -3.52 1.72 -11.16
N GLU A 80 -4.45 0.77 -11.25
CA GLU A 80 -4.78 0.09 -12.50
C GLU A 80 -5.13 1.10 -13.61
N LYS A 81 -4.71 0.78 -14.83
CA LYS A 81 -4.98 1.63 -16.00
C LYS A 81 -6.06 1.01 -16.91
N VAL A 82 -7.00 1.83 -17.35
CA VAL A 82 -8.15 1.35 -18.13
C VAL A 82 -8.34 2.21 -19.38
N LYS A 83 -8.69 1.57 -20.49
CA LYS A 83 -9.05 2.31 -21.70
C LYS A 83 -10.53 2.58 -21.67
N THR A 84 -10.92 3.79 -22.07
CA THR A 84 -12.33 4.13 -22.14
C THR A 84 -12.46 5.41 -22.92
N VAL A 85 -13.62 6.05 -22.78
CA VAL A 85 -13.85 7.35 -23.38
C VAL A 85 -14.70 8.15 -22.43
N VAL A 86 -14.48 9.46 -22.39
CA VAL A 86 -15.35 10.36 -21.65
C VAL A 86 -16.20 11.18 -22.63
N GLN A 87 -17.48 11.34 -22.32
CA GLN A 87 -18.40 12.13 -23.12
C GLN A 87 -19.03 13.27 -22.30
N LEU A 88 -19.42 14.35 -22.99
CA LEU A 88 -20.24 15.38 -22.36
C LEU A 88 -21.70 14.99 -22.54
N GLU A 89 -22.49 15.07 -21.48
CA GLU A 89 -23.94 14.91 -21.56
C GLU A 89 -24.61 16.27 -21.29
N GLY A 90 -24.82 17.05 -22.34
CA GLY A 90 -25.32 18.39 -22.20
C GLY A 90 -24.19 19.40 -22.11
N ASP A 91 -24.31 20.34 -21.19
CA ASP A 91 -23.26 21.35 -21.03
C ASP A 91 -22.49 21.19 -19.73
N ASN A 92 -23.07 20.47 -18.78
CA ASN A 92 -22.55 20.44 -17.41
C ASN A 92 -22.25 19.06 -16.83
N LYS A 93 -22.26 18.04 -17.67
CA LYS A 93 -22.14 16.68 -17.17
C LYS A 93 -21.07 15.89 -17.92
N LEU A 94 -20.13 15.31 -17.18
CA LEU A 94 -19.10 14.45 -17.78
C LEU A 94 -19.35 13.01 -17.33
N VAL A 95 -19.44 12.10 -18.29
CA VAL A 95 -19.85 10.72 -18.00
C VAL A 95 -18.89 9.70 -18.65
N THR A 96 -18.53 8.65 -17.90
CA THR A 96 -17.68 7.62 -18.45
C THR A 96 -17.94 6.32 -17.71
N THR A 97 -17.36 5.23 -18.20
CA THR A 97 -17.57 3.91 -17.60
CA THR A 97 -17.54 3.94 -17.55
C THR A 97 -16.30 3.07 -17.71
N PHE A 98 -16.04 2.25 -16.67
CA PHE A 98 -14.89 1.35 -16.63
C PHE A 98 -14.94 0.49 -15.37
N LYS A 99 -14.40 -0.72 -15.45
CA LYS A 99 -14.25 -1.60 -14.28
C LYS A 99 -15.54 -1.80 -13.46
N ASN A 100 -16.66 -1.90 -14.19
CA ASN A 100 -18.00 -2.04 -13.59
C ASN A 100 -18.53 -0.78 -12.90
N ILE A 101 -17.86 0.34 -13.15
CA ILE A 101 -18.20 1.62 -12.51
C ILE A 101 -18.75 2.60 -13.54
N LYS A 102 -19.88 3.21 -13.22
CA LYS A 102 -20.38 4.35 -14.00
C LYS A 102 -20.10 5.61 -13.21
N SER A 103 -19.52 6.60 -13.88
CA SER A 103 -19.11 7.83 -13.23
C SER A 103 -19.81 9.02 -13.86
N VAL A 104 -20.48 9.83 -13.05
CA VAL A 104 -21.06 11.07 -13.52
C VAL A 104 -20.51 12.26 -12.72
N THR A 105 -19.99 13.24 -13.45
CA THR A 105 -19.43 14.45 -12.87
C THR A 105 -20.28 15.61 -13.37
N GLU A 106 -21.08 16.19 -12.49
CA GLU A 106 -21.96 17.27 -12.90
C GLU A 106 -21.57 18.56 -12.23
N LEU A 107 -21.47 19.62 -13.02
CA LEU A 107 -21.19 20.96 -12.49
C LEU A 107 -22.44 21.83 -12.55
N ASN A 108 -22.93 22.19 -11.37
CA ASN A 108 -24.01 23.17 -11.26
C ASN A 108 -23.52 24.45 -10.57
N GLY A 109 -23.13 25.44 -11.36
CA GLY A 109 -22.58 26.67 -10.78
C GLY A 109 -21.21 26.48 -10.17
N ASP A 110 -21.13 26.53 -8.84
CA ASP A 110 -19.86 26.38 -8.15
C ASP A 110 -19.79 25.05 -7.41
N ILE A 111 -20.83 24.25 -7.57
CA ILE A 111 -20.90 22.93 -6.95
C ILE A 111 -20.76 21.84 -7.99
N ILE A 112 -19.80 20.98 -7.76
CA ILE A 112 -19.58 19.87 -8.65
C ILE A 112 -19.93 18.61 -7.87
N THR A 113 -20.81 17.81 -8.45
CA THR A 113 -21.25 16.58 -7.80
C THR A 113 -20.67 15.44 -8.59
N ASN A 114 -19.98 14.55 -7.92
CA ASN A 114 -19.45 13.38 -8.59
C ASN A 114 -20.07 12.13 -8.03
N THR A 115 -20.71 11.35 -8.90
CA THR A 115 -21.42 10.15 -8.49
C THR A 115 -20.84 8.94 -9.22
N MET A 116 -20.20 8.04 -8.48
CA MET A 116 -19.71 6.79 -9.05
C MET A 116 -20.48 5.60 -8.50
N THR A 117 -21.14 4.85 -9.38
CA THR A 117 -21.99 3.75 -8.96
C THR A 117 -21.33 2.40 -9.25
N LEU A 118 -21.08 1.62 -8.21
CA LEU A 118 -20.53 0.27 -8.37
C LEU A 118 -21.38 -0.72 -7.59
N GLY A 119 -22.24 -1.45 -8.31
CA GLY A 119 -23.24 -2.30 -7.69
C GLY A 119 -24.30 -1.38 -7.12
N ASP A 120 -24.73 -1.65 -5.89
CA ASP A 120 -25.66 -0.77 -5.20
C ASP A 120 -24.91 0.21 -4.29
N ILE A 121 -23.61 0.31 -4.49
CA ILE A 121 -22.82 1.30 -3.79
C ILE A 121 -22.72 2.58 -4.60
N VAL A 122 -23.26 3.66 -4.06
CA VAL A 122 -23.19 4.95 -4.73
C VAL A 122 -22.22 5.82 -3.96
N PHE A 123 -21.02 5.95 -4.51
CA PHE A 123 -19.97 6.79 -3.95
C PHE A 123 -20.18 8.21 -4.48
N LYS A 124 -20.66 9.09 -3.62
CA LYS A 124 -20.99 10.44 -4.06
C LYS A 124 -20.05 11.43 -3.39
N ARG A 125 -19.52 12.38 -4.15
CA ARG A 125 -18.65 13.41 -3.60
C ARG A 125 -19.15 14.77 -4.05
N ILE A 126 -19.43 15.65 -3.09
CA ILE A 126 -19.86 17.02 -3.37
C ILE A 126 -18.73 18.01 -3.06
N SER A 127 -18.41 18.86 -4.04
CA SER A 127 -17.31 19.82 -3.92
C SER A 127 -17.70 21.22 -4.36
N LYS A 128 -17.04 22.19 -3.76
CA LYS A 128 -17.37 23.59 -3.97
C LYS A 128 -16.17 24.39 -4.46
N ARG A 129 -16.39 25.11 -5.55
CA ARG A 129 -15.38 25.97 -6.16
C ARG A 129 -14.72 26.89 -5.16
N ILE A 130 -13.39 26.94 -5.22
CA ILE A 130 -12.62 27.84 -4.36
C ILE A 130 -11.76 28.73 -5.23
N GLY B 1 -5.73 39.28 10.64
CA GLY B 1 -5.64 40.60 11.23
C GLY B 1 -4.31 40.90 11.92
N SER B 2 -4.39 41.61 13.04
CA SER B 2 -3.22 41.92 13.85
C SER B 2 -2.42 40.67 14.24
N HIS B 3 -3.12 39.54 14.40
CA HIS B 3 -2.46 38.28 14.72
C HIS B 3 -1.84 37.65 13.47
N MET B 4 -0.71 36.98 13.65
CA MET B 4 -0.08 36.26 12.58
C MET B 4 -0.60 34.83 12.58
N SER B 5 -1.02 34.37 11.42
CA SER B 5 -1.59 33.03 11.24
C SER B 5 -0.99 32.35 10.01
N PHE B 6 -0.65 31.07 10.15
CA PHE B 6 -0.19 30.26 9.04
C PHE B 6 -1.36 29.68 8.24
N SER B 7 -2.56 29.76 8.81
CA SER B 7 -3.74 29.15 8.19
C SER B 7 -3.91 29.51 6.71
N GLY B 8 -4.30 28.52 5.92
CA GLY B 8 -4.56 28.77 4.53
C GLY B 8 -4.42 27.52 3.68
N LYS B 9 -4.86 27.64 2.42
CA LYS B 9 -4.64 26.63 1.40
C LYS B 9 -3.67 27.22 0.40
N TYR B 10 -2.63 26.46 0.08
CA TYR B 10 -1.52 26.98 -0.68
C TYR B 10 -1.22 25.99 -1.78
N GLN B 11 -1.18 26.44 -3.03
CA GLN B 11 -0.86 25.53 -4.13
C GLN B 11 0.59 25.62 -4.59
N LEU B 12 1.24 24.46 -4.75
CA LEU B 12 2.66 24.39 -5.13
C LEU B 12 2.92 25.16 -6.41
N GLN B 13 3.93 26.02 -6.39
CA GLN B 13 4.23 26.87 -7.53
C GLN B 13 5.48 26.37 -8.26
N SER B 14 6.49 25.99 -7.47
CA SER B 14 7.70 25.43 -8.04
C SER B 14 8.44 24.66 -6.96
N GLN B 15 9.40 23.86 -7.37
CA GLN B 15 10.18 23.14 -6.38
C GLN B 15 11.55 22.73 -6.94
N GLU B 16 12.49 22.49 -6.04
CA GLU B 16 13.83 22.09 -6.42
C GLU B 16 14.20 20.79 -5.70
N ASN B 17 14.79 19.85 -6.43
CA ASN B 17 15.31 18.60 -5.87
C ASN B 17 14.28 17.58 -5.38
N PHE B 18 13.10 17.59 -6.01
CA PHE B 18 12.04 16.65 -5.66
C PHE B 18 12.53 15.21 -5.86
N GLU B 19 13.03 14.91 -7.05
CA GLU B 19 13.44 13.54 -7.35
C GLU B 19 14.60 13.10 -6.49
N ALA B 20 15.64 13.93 -6.41
CA ALA B 20 16.78 13.66 -5.53
C ALA B 20 16.32 13.33 -4.12
N PHE B 21 15.44 14.16 -3.54
CA PHE B 21 14.97 13.95 -2.16
C PHE B 21 14.17 12.64 -2.02
N MET B 22 13.17 12.47 -2.87
CA MET B 22 12.32 11.29 -2.82
C MET B 22 13.12 9.99 -3.00
N LYS B 23 14.13 10.02 -3.86
CA LYS B 23 14.97 8.84 -4.05
C LYS B 23 15.80 8.59 -2.79
N ALA B 24 16.34 9.68 -2.22
CA ALA B 24 17.10 9.61 -0.98
C ALA B 24 16.32 8.91 0.13
N ILE B 25 15.06 9.30 0.32
CA ILE B 25 14.26 8.71 1.40
C ILE B 25 13.71 7.34 1.02
N GLY B 26 13.84 6.98 -0.25
CA GLY B 26 13.50 5.64 -0.71
C GLY B 26 12.09 5.46 -1.24
N LEU B 27 11.50 6.51 -1.79
CA LEU B 27 10.22 6.40 -2.46
C LEU B 27 10.38 5.54 -3.71
N PRO B 28 9.34 4.76 -4.05
CA PRO B 28 9.32 3.99 -5.30
C PRO B 28 9.58 4.88 -6.52
N GLU B 29 10.37 4.39 -7.47
CA GLU B 29 10.70 5.15 -8.67
CA GLU B 29 10.71 5.18 -8.64
C GLU B 29 9.45 5.59 -9.43
N GLU B 30 8.49 4.69 -9.49
CA GLU B 30 7.22 4.93 -10.18
C GLU B 30 6.48 6.09 -9.55
N LEU B 31 6.35 6.06 -8.22
CA LEU B 31 5.66 7.10 -7.47
C LEU B 31 6.30 8.49 -7.69
N ILE B 32 7.63 8.52 -7.67
CA ILE B 32 8.40 9.74 -7.89
C ILE B 32 8.09 10.36 -9.25
N GLN B 33 7.99 9.53 -10.27
CA GLN B 33 7.73 10.05 -11.61
C GLN B 33 6.32 10.63 -11.76
N LYS B 34 5.34 9.97 -11.15
CA LYS B 34 3.97 10.45 -11.16
C LYS B 34 3.84 11.74 -10.38
N GLY B 35 4.52 11.81 -9.25
CA GLY B 35 4.38 12.92 -8.33
C GLY B 35 5.14 14.16 -8.73
N LYS B 36 6.26 14.00 -9.43
CA LYS B 36 7.22 15.08 -9.64
C LYS B 36 6.64 16.34 -10.31
N ASP B 37 5.59 16.19 -11.10
CA ASP B 37 5.00 17.33 -11.79
C ASP B 37 3.57 17.64 -11.35
N ILE B 38 3.12 17.01 -10.28
CA ILE B 38 1.84 17.38 -9.73
C ILE B 38 2.01 18.64 -8.89
N LYS B 39 1.11 19.60 -9.04
CA LYS B 39 1.17 20.83 -8.26
C LYS B 39 -0.05 20.91 -7.37
N GLY B 40 0.01 20.20 -6.26
CA GLY B 40 -1.14 20.00 -5.43
C GLY B 40 -1.32 21.09 -4.39
N VAL B 41 -2.44 20.98 -3.68
CA VAL B 41 -2.79 21.97 -2.68
C VAL B 41 -2.56 21.37 -1.29
N SER B 42 -2.01 22.19 -0.40
CA SER B 42 -1.82 21.81 0.98
C SER B 42 -2.63 22.73 1.85
N GLU B 43 -2.96 22.26 3.05
CA GLU B 43 -3.71 23.10 3.97
C GLU B 43 -3.09 23.14 5.36
N ILE B 44 -2.98 24.36 5.89
CA ILE B 44 -2.60 24.56 7.28
C ILE B 44 -3.75 25.19 8.03
N VAL B 45 -4.07 24.60 9.18
CA VAL B 45 -5.01 25.20 10.11
C VAL B 45 -4.30 25.45 11.43
N GLN B 46 -4.13 26.72 11.77
CA GLN B 46 -3.47 27.10 13.03
C GLN B 46 -4.49 27.59 14.02
N ASN B 47 -4.46 27.01 15.21
CA ASN B 47 -5.24 27.51 16.32
C ASN B 47 -4.29 27.76 17.48
N GLY B 48 -3.71 28.95 17.50
CA GLY B 48 -2.68 29.30 18.47
C GLY B 48 -1.38 28.55 18.30
N LYS B 49 -1.03 27.76 19.31
CA LYS B 49 0.19 26.98 19.24
C LYS B 49 -0.08 25.63 18.59
N HIS B 50 -1.35 25.33 18.33
CA HIS B 50 -1.72 24.05 17.72
C HIS B 50 -1.88 24.13 16.21
N PHE B 51 -1.25 23.18 15.51
CA PHE B 51 -1.29 23.17 14.05
C PHE B 51 -1.83 21.85 13.50
N LYS B 52 -2.63 21.95 12.45
CA LYS B 52 -3.04 20.78 11.67
C LYS B 52 -2.62 21.00 10.23
N PHE B 53 -1.80 20.09 9.70
CA PHE B 53 -1.27 20.22 8.35
C PHE B 53 -1.83 19.12 7.45
N THR B 54 -2.28 19.49 6.26
CA THR B 54 -2.66 18.49 5.28
C THR B 54 -1.82 18.74 4.06
N ILE B 55 -0.83 17.87 3.84
CA ILE B 55 0.24 18.16 2.90
C ILE B 55 0.29 17.21 1.72
N THR B 56 0.25 17.78 0.51
CA THR B 56 0.39 17.02 -0.73
C THR B 56 1.82 17.06 -1.24
N ALA B 57 2.48 15.91 -1.18
CA ALA B 57 3.86 15.77 -1.62
C ALA B 57 3.91 14.83 -2.82
N GLY B 58 3.83 15.39 -4.02
CA GLY B 58 3.69 14.57 -5.21
C GLY B 58 2.37 13.82 -5.20
N SER B 59 2.45 12.50 -5.31
CA SER B 59 1.26 11.65 -5.36
C SER B 59 0.65 11.45 -3.99
N LYS B 60 1.29 11.98 -2.95
CA LYS B 60 0.95 11.63 -1.57
C LYS B 60 0.31 12.79 -0.82
N VAL B 61 -0.64 12.46 0.03
CA VAL B 61 -1.22 13.42 0.97
C VAL B 61 -0.95 12.91 2.36
N ILE B 62 -0.29 13.74 3.16
CA ILE B 62 0.04 13.40 4.54
C ILE B 62 -0.51 14.43 5.52
N GLN B 63 -1.28 13.96 6.50
CA GLN B 63 -1.82 14.82 7.53
C GLN B 63 -0.97 14.70 8.79
N ASN B 64 -0.89 15.80 9.54
CA ASN B 64 -0.11 15.85 10.75
C ASN B 64 -0.66 16.93 11.65
N GLU B 65 -0.52 16.74 12.95
CA GLU B 65 -0.95 17.73 13.93
C GLU B 65 0.10 17.83 15.02
N PHE B 66 0.24 19.02 15.58
CA PHE B 66 1.19 19.23 16.64
C PHE B 66 0.87 20.54 17.34
N THR B 67 1.37 20.65 18.56
CA THR B 67 1.41 21.88 19.30
C THR B 67 2.89 22.26 19.44
N VAL B 68 3.23 23.48 19.04
CA VAL B 68 4.61 23.90 19.07
C VAL B 68 5.12 23.91 20.50
N GLY B 69 6.37 23.47 20.68
CA GLY B 69 7.00 23.42 21.98
C GLY B 69 6.69 22.16 22.77
N GLU B 70 5.78 21.36 22.24
CA GLU B 70 5.35 20.17 22.92
C GLU B 70 5.71 18.97 22.06
N GLU B 71 6.00 17.86 22.72
CA GLU B 71 6.28 16.62 22.03
C GLU B 71 5.14 16.29 21.07
N CYS B 72 5.48 15.99 19.83
CA CYS B 72 4.49 15.47 18.89
C CYS B 72 4.99 14.19 18.23
N GLU B 73 4.11 13.54 17.49
CA GLU B 73 4.49 12.42 16.66
C GLU B 73 4.02 12.70 15.23
N LEU B 74 4.98 12.71 14.31
CA LEU B 74 4.74 13.10 12.92
C LEU B 74 4.94 11.92 11.95
N GLU B 75 4.00 11.75 11.03
CA GLU B 75 4.18 10.81 9.92
C GLU B 75 5.05 11.44 8.85
N THR B 76 6.09 10.74 8.42
CA THR B 76 7.00 11.22 7.39
C THR B 76 6.53 10.84 5.99
N MET B 77 7.29 11.26 4.98
CA MET B 77 6.96 10.92 3.59
C MET B 77 7.10 9.44 3.30
N THR B 78 7.79 8.71 4.16
CA THR B 78 7.93 7.28 3.96
C THR B 78 6.82 6.50 4.68
N GLY B 79 6.06 7.18 5.53
CA GLY B 79 5.06 6.50 6.33
C GLY B 79 5.53 6.19 7.75
N GLU B 80 6.80 6.39 8.02
CA GLU B 80 7.34 6.19 9.36
C GLU B 80 6.80 7.26 10.32
N LYS B 81 6.43 6.85 11.51
CA LYS B 81 6.03 7.80 12.53
C LYS B 81 7.18 8.10 13.48
N VAL B 82 7.45 9.39 13.64
CA VAL B 82 8.62 9.87 14.34
C VAL B 82 8.23 10.81 15.49
N LYS B 83 8.76 10.56 16.68
CA LYS B 83 8.56 11.45 17.83
C LYS B 83 9.52 12.62 17.71
N THR B 84 9.00 13.85 17.77
CA THR B 84 9.86 15.03 17.71
C THR B 84 9.18 16.26 18.34
N VAL B 85 9.68 17.45 18.03
CA VAL B 85 9.07 18.69 18.47
C VAL B 85 9.13 19.66 17.30
N VAL B 86 8.11 20.48 17.17
CA VAL B 86 8.12 21.58 16.21
C VAL B 86 8.18 22.88 17.01
N GLN B 87 9.08 23.77 16.62
CA GLN B 87 9.20 25.07 17.27
C GLN B 87 8.86 26.21 16.33
N LEU B 88 8.36 27.29 16.88
CA LEU B 88 8.23 28.53 16.12
C LEU B 88 9.57 29.24 16.17
N GLU B 89 10.02 29.74 15.03
CA GLU B 89 11.20 30.60 14.98
C GLU B 89 10.77 31.92 14.39
N GLY B 90 11.10 33.01 15.07
CA GLY B 90 10.57 34.30 14.68
C GLY B 90 9.07 34.22 14.81
N ASP B 91 8.33 35.00 14.01
CA ASP B 91 6.88 34.88 14.01
C ASP B 91 6.36 34.10 12.80
N ASN B 92 7.22 33.86 11.81
CA ASN B 92 6.76 33.26 10.56
C ASN B 92 7.48 31.99 10.12
N LYS B 93 8.22 31.36 11.03
CA LYS B 93 8.88 30.10 10.70
C LYS B 93 8.51 28.99 11.67
N LEU B 94 8.37 27.79 11.11
CA LEU B 94 8.13 26.58 11.88
C LEU B 94 9.26 25.60 11.61
N VAL B 95 9.93 25.16 12.66
CA VAL B 95 11.17 24.41 12.50
C VAL B 95 11.13 23.09 13.26
N THR B 96 11.55 22.01 12.59
CA THR B 96 11.65 20.70 13.23
C THR B 96 12.81 19.90 12.63
N THR B 97 13.31 18.96 13.42
CA THR B 97 14.37 18.06 12.96
C THR B 97 14.02 16.64 13.36
N PHE B 98 13.92 15.75 12.37
CA PHE B 98 13.64 14.34 12.64
C PHE B 98 14.41 13.45 11.67
N LYS B 99 14.84 12.28 12.15
CA LYS B 99 15.59 11.31 11.35
C LYS B 99 16.59 11.96 10.39
N ASN B 100 17.44 12.83 10.94
CA ASN B 100 18.51 13.47 10.20
C ASN B 100 18.00 14.32 9.02
N ILE B 101 16.75 14.73 9.13
CA ILE B 101 16.12 15.64 8.19
C ILE B 101 15.77 16.93 8.93
N LYS B 102 16.15 18.06 8.33
CA LYS B 102 15.81 19.37 8.89
C LYS B 102 14.73 20.07 8.06
N SER B 103 13.58 20.31 8.68
CA SER B 103 12.45 20.92 7.99
C SER B 103 12.16 22.34 8.42
N VAL B 104 12.15 23.28 7.47
CA VAL B 104 11.84 24.68 7.75
C VAL B 104 10.72 25.23 6.86
N THR B 105 9.63 25.64 7.49
CA THR B 105 8.48 26.19 6.80
C THR B 105 8.29 27.65 7.15
N GLU B 106 8.35 28.52 6.14
CA GLU B 106 8.30 29.95 6.36
C GLU B 106 7.20 30.59 5.54
N LEU B 107 6.40 31.45 6.18
CA LEU B 107 5.35 32.20 5.49
C LEU B 107 5.76 33.67 5.29
N ASN B 108 5.70 34.15 4.06
CA ASN B 108 5.89 35.57 3.78
C ASN B 108 4.83 36.03 2.80
N GLY B 109 3.78 36.64 3.34
CA GLY B 109 2.63 37.03 2.57
C GLY B 109 1.74 35.87 2.19
N ASP B 110 1.67 35.61 0.90
CA ASP B 110 0.82 34.54 0.41
C ASP B 110 1.71 33.40 0.01
N ILE B 111 3.02 33.59 0.15
CA ILE B 111 3.99 32.59 -0.26
C ILE B 111 4.54 31.79 0.92
N ILE B 112 4.43 30.48 0.81
CA ILE B 112 4.90 29.61 1.85
C ILE B 112 6.05 28.73 1.33
N THR B 113 7.22 28.86 1.96
CA THR B 113 8.41 28.14 1.52
C THR B 113 8.73 27.01 2.46
N ASN B 114 8.97 25.81 1.93
CA ASN B 114 9.46 24.76 2.78
C ASN B 114 10.80 24.27 2.29
N THR B 115 11.76 24.21 3.21
CA THR B 115 13.06 23.66 2.90
C THR B 115 13.35 22.44 3.75
N MET B 116 13.55 21.29 3.11
CA MET B 116 13.90 20.07 3.82
C MET B 116 15.31 19.63 3.42
N THR B 117 16.16 19.48 4.43
CA THR B 117 17.54 19.14 4.24
C THR B 117 17.84 17.75 4.76
N LEU B 118 18.29 16.89 3.85
CA LEU B 118 18.80 15.57 4.23
C LEU B 118 20.21 15.46 3.70
N GLY B 119 21.18 15.56 4.60
CA GLY B 119 22.57 15.54 4.20
C GLY B 119 22.87 16.75 3.34
N ASP B 120 23.40 16.53 2.15
CA ASP B 120 23.70 17.66 1.27
C ASP B 120 22.57 17.93 0.26
N ILE B 121 21.44 17.26 0.41
CA ILE B 121 20.30 17.52 -0.45
C ILE B 121 19.33 18.51 0.17
N VAL B 122 19.10 19.62 -0.53
CA VAL B 122 18.13 20.61 -0.11
C VAL B 122 16.89 20.52 -1.00
N PHE B 123 15.80 20.06 -0.41
CA PHE B 123 14.52 19.94 -1.11
C PHE B 123 13.67 21.17 -0.76
N LYS B 124 13.34 21.97 -1.77
CA LYS B 124 12.67 23.26 -1.55
C LYS B 124 11.38 23.37 -2.34
N ARG B 125 10.30 23.71 -1.62
CA ARG B 125 8.96 23.84 -2.18
C ARG B 125 8.39 25.23 -1.93
N ILE B 126 7.95 25.89 -2.98
CA ILE B 126 7.31 27.20 -2.86
C ILE B 126 5.85 27.11 -3.32
N SER B 127 4.92 27.47 -2.43
CA SER B 127 3.48 27.42 -2.71
C SER B 127 2.84 28.79 -2.50
N LYS B 128 1.73 29.04 -3.18
CA LYS B 128 1.06 30.32 -3.05
C LYS B 128 -0.39 30.13 -2.58
N ARG B 129 -0.86 31.07 -1.77
CA ARG B 129 -2.20 31.02 -1.21
C ARG B 129 -3.26 31.05 -2.31
N ILE B 130 -4.23 30.15 -2.24
CA ILE B 130 -5.35 30.22 -3.17
C ILE B 130 -6.64 30.75 -2.52
N GLY C 1 -22.41 -18.10 10.29
CA GLY C 1 -23.84 -18.29 10.45
C GLY C 1 -24.49 -18.94 9.25
N SER C 2 -25.63 -18.40 8.82
CA SER C 2 -26.49 -19.01 7.81
C SER C 2 -25.90 -19.17 6.39
N HIS C 3 -25.05 -18.24 5.94
CA HIS C 3 -24.49 -18.33 4.59
C HIS C 3 -23.00 -18.62 4.61
N MET C 4 -22.52 -19.36 3.61
CA MET C 4 -21.13 -19.80 3.63
C MET C 4 -20.11 -18.71 3.37
N SER C 5 -19.11 -18.64 4.24
CA SER C 5 -18.02 -17.70 4.08
C SER C 5 -16.72 -18.47 3.93
N PHE C 6 -15.86 -17.98 3.05
CA PHE C 6 -14.53 -18.56 2.82
C PHE C 6 -13.50 -18.00 3.79
N SER C 7 -13.81 -16.85 4.37
CA SER C 7 -12.85 -16.15 5.24
C SER C 7 -12.12 -17.06 6.19
N GLY C 8 -10.82 -16.86 6.29
CA GLY C 8 -10.03 -17.61 7.24
C GLY C 8 -8.56 -17.58 6.93
N LYS C 9 -7.80 -18.14 7.85
CA LYS C 9 -6.37 -18.39 7.66
C LYS C 9 -6.20 -19.91 7.67
N TYR C 10 -5.48 -20.43 6.70
CA TYR C 10 -5.39 -21.87 6.53
C TYR C 10 -3.92 -22.27 6.32
N GLN C 11 -3.44 -23.25 7.08
CA GLN C 11 -2.06 -23.70 6.89
C GLN C 11 -2.00 -24.97 6.04
N LEU C 12 -1.07 -25.00 5.08
CA LEU C 12 -0.91 -26.14 4.18
C LEU C 12 -0.64 -27.38 5.01
N GLN C 13 -1.27 -28.48 4.63
CA GLN C 13 -1.11 -29.76 5.30
C GLN C 13 -0.41 -30.75 4.41
N SER C 14 -0.72 -30.69 3.11
CA SER C 14 -0.10 -31.57 2.15
C SER C 14 -0.34 -31.05 0.75
N GLN C 15 0.42 -31.58 -0.22
CA GLN C 15 0.20 -31.28 -1.63
C GLN C 15 0.48 -32.48 -2.52
N GLU C 16 -0.08 -32.43 -3.73
CA GLU C 16 0.12 -33.45 -4.74
C GLU C 16 0.70 -32.81 -5.99
N ASN C 17 1.75 -33.42 -6.53
CA ASN C 17 2.34 -32.97 -7.79
C ASN C 17 2.85 -31.52 -7.72
N PHE C 18 3.30 -31.10 -6.53
CA PHE C 18 3.95 -29.81 -6.39
C PHE C 18 5.12 -29.74 -7.36
N GLU C 19 6.01 -30.72 -7.26
CA GLU C 19 7.21 -30.77 -8.11
C GLU C 19 6.89 -30.83 -9.58
N ALA C 20 6.00 -31.74 -9.97
CA ALA C 20 5.61 -31.88 -11.37
C ALA C 20 5.04 -30.58 -11.91
N PHE C 21 4.20 -29.92 -11.11
CA PHE C 21 3.61 -28.65 -11.52
C PHE C 21 4.65 -27.53 -11.58
N MET C 22 5.46 -27.42 -10.53
CA MET C 22 6.51 -26.40 -10.49
C MET C 22 7.56 -26.61 -11.58
N LYS C 23 7.79 -27.88 -11.97
CA LYS C 23 8.65 -28.21 -13.12
C LYS C 23 8.08 -27.65 -14.42
N ALA C 24 6.78 -27.89 -14.61
CA ALA C 24 6.08 -27.53 -15.84
C ALA C 24 6.01 -26.04 -16.10
N ILE C 25 6.04 -25.24 -15.03
CA ILE C 25 5.98 -23.80 -15.18
C ILE C 25 7.40 -23.24 -15.29
N GLY C 26 8.39 -24.07 -14.94
CA GLY C 26 9.77 -23.80 -15.30
C GLY C 26 10.85 -23.69 -14.23
N LEU C 27 10.47 -23.84 -12.96
CA LEU C 27 11.39 -23.64 -11.84
C LEU C 27 12.56 -24.64 -11.81
N PRO C 28 13.72 -24.18 -11.32
CA PRO C 28 14.85 -25.09 -11.19
C PRO C 28 14.64 -26.03 -10.01
N GLU C 29 15.21 -27.23 -10.08
CA GLU C 29 15.03 -28.24 -9.04
C GLU C 29 15.38 -27.75 -7.62
N GLU C 30 16.27 -26.76 -7.51
CA GLU C 30 16.64 -26.15 -6.22
C GLU C 30 15.52 -25.27 -5.62
N LEU C 31 15.04 -24.31 -6.41
CA LEU C 31 13.94 -23.44 -5.99
C LEU C 31 12.72 -24.27 -5.60
N ILE C 32 12.61 -25.44 -6.23
CA ILE C 32 11.54 -26.37 -5.95
C ILE C 32 11.76 -27.06 -4.60
N GLN C 33 12.96 -27.61 -4.42
CA GLN C 33 13.32 -28.24 -3.16
C GLN C 33 13.17 -27.29 -1.97
N LYS C 34 13.58 -26.04 -2.17
CA LYS C 34 13.46 -25.00 -1.16
C LYS C 34 12.00 -24.75 -0.78
N GLY C 35 11.12 -24.67 -1.78
CA GLY C 35 9.72 -24.36 -1.57
C GLY C 35 8.89 -25.57 -1.17
N LYS C 36 9.36 -26.75 -1.54
CA LYS C 36 8.52 -27.95 -1.47
C LYS C 36 8.00 -28.31 -0.08
N ASP C 37 8.80 -28.09 0.95
CA ASP C 37 8.40 -28.52 2.28
C ASP C 37 7.91 -27.35 3.12
N ILE C 38 7.90 -26.16 2.54
CA ILE C 38 7.35 -25.00 3.23
C ILE C 38 5.85 -25.21 3.38
N LYS C 39 5.35 -25.16 4.60
CA LYS C 39 3.92 -25.28 4.82
C LYS C 39 3.30 -23.93 5.11
N GLY C 40 3.07 -23.15 4.06
CA GLY C 40 2.63 -21.79 4.20
C GLY C 40 1.22 -21.62 4.73
N VAL C 41 0.98 -20.48 5.35
CA VAL C 41 -0.34 -20.11 5.80
C VAL C 41 -0.96 -19.19 4.74
N SER C 42 -2.14 -19.56 4.23
CA SER C 42 -2.85 -18.72 3.28
C SER C 42 -4.07 -18.03 3.91
N GLU C 43 -4.41 -16.84 3.42
CA GLU C 43 -5.53 -16.11 3.97
C GLU C 43 -6.58 -15.78 2.91
N ILE C 44 -7.85 -15.96 3.28
CA ILE C 44 -8.96 -15.47 2.49
C ILE C 44 -9.72 -14.44 3.30
N VAL C 45 -9.92 -13.27 2.70
CA VAL C 45 -10.79 -12.26 3.29
C VAL C 45 -11.99 -12.08 2.37
N GLN C 46 -13.16 -12.47 2.86
CA GLN C 46 -14.39 -12.32 2.10
C GLN C 46 -15.27 -11.17 2.62
N ASN C 47 -15.64 -10.28 1.70
CA ASN C 47 -16.63 -9.24 1.94
C ASN C 47 -17.72 -9.35 0.88
N GLY C 48 -18.73 -10.17 1.13
CA GLY C 48 -19.80 -10.37 0.16
C GLY C 48 -19.32 -11.15 -1.05
N LYS C 49 -19.37 -10.51 -2.23
CA LYS C 49 -18.87 -11.13 -3.46
C LYS C 49 -17.40 -10.75 -3.72
N HIS C 50 -16.87 -9.87 -2.88
CA HIS C 50 -15.48 -9.45 -2.99
C HIS C 50 -14.55 -10.31 -2.14
N PHE C 51 -13.40 -10.67 -2.70
CA PHE C 51 -12.46 -11.55 -2.04
C PHE C 51 -11.06 -10.97 -2.16
N LYS C 52 -10.26 -11.11 -1.11
CA LYS C 52 -8.83 -10.89 -1.20
C LYS C 52 -8.14 -12.19 -0.83
N PHE C 53 -7.41 -12.75 -1.77
CA PHE C 53 -6.67 -13.99 -1.51
C PHE C 53 -5.20 -13.69 -1.31
N THR C 54 -4.62 -14.29 -0.28
CA THR C 54 -3.20 -14.16 -0.03
C THR C 54 -2.68 -15.58 0.11
N ILE C 55 -2.16 -16.12 -0.99
CA ILE C 55 -1.94 -17.56 -1.13
C ILE C 55 -0.46 -17.92 -1.28
N THR C 56 -0.01 -18.91 -0.52
CA THR C 56 1.37 -19.37 -0.61
C THR C 56 1.56 -20.50 -1.64
N ALA C 57 2.69 -20.45 -2.35
CA ALA C 57 3.04 -21.48 -3.31
C ALA C 57 4.54 -21.70 -3.26
N GLY C 58 4.96 -22.69 -2.47
CA GLY C 58 6.37 -22.84 -2.16
C GLY C 58 6.91 -21.59 -1.47
N SER C 59 7.88 -20.95 -2.11
CA SER C 59 8.60 -19.82 -1.51
C SER C 59 7.96 -18.48 -1.84
N LYS C 60 6.75 -18.49 -2.38
CA LYS C 60 6.13 -17.26 -2.85
C LYS C 60 4.75 -17.06 -2.27
N VAL C 61 4.39 -15.80 -2.11
CA VAL C 61 3.05 -15.42 -1.72
C VAL C 61 2.44 -14.73 -2.92
N ILE C 62 1.25 -15.16 -3.30
CA ILE C 62 0.52 -14.50 -4.37
C ILE C 62 -0.72 -13.84 -3.79
N GLN C 63 -0.79 -12.52 -3.88
CA GLN C 63 -1.99 -11.84 -3.45
C GLN C 63 -2.90 -11.48 -4.62
N ASN C 64 -4.18 -11.78 -4.46
CA ASN C 64 -5.18 -11.58 -5.50
C ASN C 64 -6.50 -11.09 -4.91
N GLU C 65 -7.03 -10.03 -5.52
CA GLU C 65 -8.26 -9.42 -5.09
C GLU C 65 -9.22 -9.29 -6.28
N PHE C 66 -10.46 -9.77 -6.11
CA PHE C 66 -11.44 -9.76 -7.19
C PHE C 66 -12.84 -9.68 -6.63
N THR C 67 -13.80 -9.32 -7.45
CA THR C 67 -15.19 -9.52 -7.08
C THR C 67 -15.71 -10.62 -7.99
N VAL C 68 -16.46 -11.56 -7.42
CA VAL C 68 -17.00 -12.68 -8.21
C VAL C 68 -17.85 -12.17 -9.38
N GLY C 69 -17.53 -12.62 -10.59
CA GLY C 69 -18.30 -12.25 -11.77
C GLY C 69 -17.72 -11.08 -12.55
N GLU C 70 -16.96 -10.23 -11.85
CA GLU C 70 -16.36 -9.05 -12.46
C GLU C 70 -15.04 -9.38 -13.14
N GLU C 71 -14.80 -8.74 -14.27
CA GLU C 71 -13.50 -8.86 -14.90
C GLU C 71 -12.46 -8.22 -14.00
N CYS C 72 -11.44 -8.98 -13.65
CA CYS C 72 -10.36 -8.47 -12.84
C CYS C 72 -9.06 -8.93 -13.47
N GLU C 73 -7.95 -8.30 -13.06
CA GLU C 73 -6.65 -8.78 -13.49
C GLU C 73 -5.98 -9.55 -12.36
N LEU C 74 -5.62 -10.81 -12.63
CA LEU C 74 -5.00 -11.66 -11.62
C LEU C 74 -3.52 -11.94 -11.87
N GLU C 75 -2.80 -12.19 -10.78
CA GLU C 75 -1.39 -12.56 -10.83
C GLU C 75 -1.23 -14.06 -10.92
N THR C 76 -0.51 -14.53 -11.92
CA THR C 76 -0.21 -15.96 -12.04
C THR C 76 1.04 -16.25 -11.23
N MET C 77 1.38 -17.54 -11.15
CA MET C 77 2.58 -17.93 -10.44
C MET C 77 3.87 -17.61 -11.18
N THR C 78 3.76 -17.39 -12.50
CA THR C 78 4.90 -16.93 -13.27
C THR C 78 4.95 -15.40 -13.27
N GLY C 79 4.10 -14.80 -12.43
CA GLY C 79 4.04 -13.36 -12.31
C GLY C 79 3.41 -12.75 -13.54
N GLU C 80 2.85 -13.59 -14.40
CA GLU C 80 2.13 -13.12 -15.56
C GLU C 80 0.81 -12.53 -15.04
N LYS C 81 0.35 -11.45 -15.65
CA LYS C 81 -0.94 -10.87 -15.28
C LYS C 81 -1.97 -11.10 -16.40
N VAL C 82 -3.08 -11.72 -16.02
CA VAL C 82 -4.06 -12.26 -16.95
C VAL C 82 -5.47 -11.76 -16.60
N LYS C 83 -6.14 -11.13 -17.56
CA LYS C 83 -7.51 -10.66 -17.35
C LYS C 83 -8.52 -11.80 -17.43
N THR C 84 -9.20 -12.06 -16.31
CA THR C 84 -10.16 -13.15 -16.26
C THR C 84 -11.29 -12.80 -15.30
N VAL C 85 -12.18 -13.76 -15.08
CA VAL C 85 -13.29 -13.62 -14.15
C VAL C 85 -13.33 -14.86 -13.26
N VAL C 86 -13.57 -14.65 -11.98
CA VAL C 86 -13.74 -15.74 -11.02
C VAL C 86 -15.21 -15.91 -10.69
N GLN C 87 -15.67 -17.15 -10.72
CA GLN C 87 -17.08 -17.42 -10.48
C GLN C 87 -17.24 -18.33 -9.27
N LEU C 88 -18.37 -18.17 -8.59
CA LEU C 88 -18.79 -19.11 -7.57
C LEU C 88 -19.40 -20.31 -8.28
N GLU C 89 -19.21 -21.49 -7.70
CA GLU C 89 -19.89 -22.69 -8.19
C GLU C 89 -20.48 -23.46 -7.02
N GLY C 90 -21.71 -23.13 -6.68
CA GLY C 90 -22.30 -23.57 -5.43
C GLY C 90 -21.92 -22.53 -4.40
N ASP C 91 -22.06 -22.86 -3.13
CA ASP C 91 -21.69 -21.92 -2.10
C ASP C 91 -20.23 -22.16 -1.67
N ASN C 92 -19.67 -23.27 -2.12
CA ASN C 92 -18.41 -23.77 -1.57
C ASN C 92 -17.19 -23.80 -2.52
N LYS C 93 -17.34 -23.29 -3.73
CA LYS C 93 -16.22 -23.30 -4.69
C LYS C 93 -16.07 -21.99 -5.46
N LEU C 94 -14.82 -21.57 -5.63
CA LEU C 94 -14.50 -20.44 -6.50
C LEU C 94 -13.70 -20.98 -7.68
N VAL C 95 -14.10 -20.63 -8.90
CA VAL C 95 -13.51 -21.24 -10.08
C VAL C 95 -13.08 -20.20 -11.12
N THR C 96 -11.95 -20.45 -11.77
CA THR C 96 -11.45 -19.58 -12.84
C THR C 96 -10.48 -20.30 -13.79
N THR C 97 -10.37 -19.78 -15.01
CA THR C 97 -9.49 -20.37 -16.01
C THR C 97 -8.61 -19.30 -16.66
N PHE C 98 -7.35 -19.65 -16.87
CA PHE C 98 -6.38 -18.78 -17.58
C PHE C 98 -5.24 -19.62 -18.18
N LYS C 99 -4.73 -19.19 -19.33
CA LYS C 99 -3.45 -19.68 -19.88
C LYS C 99 -3.27 -21.21 -19.89
N ASN C 100 -4.32 -21.93 -20.27
CA ASN C 100 -4.32 -23.40 -20.23
C ASN C 100 -4.21 -23.95 -18.79
N ILE C 101 -4.50 -23.10 -17.81
CA ILE C 101 -4.46 -23.49 -16.41
C ILE C 101 -5.82 -23.29 -15.76
N LYS C 102 -6.34 -24.33 -15.13
CA LYS C 102 -7.61 -24.28 -14.44
C LYS C 102 -7.43 -24.29 -12.92
N SER C 103 -8.14 -23.42 -12.21
CA SER C 103 -8.02 -23.33 -10.76
C SER C 103 -9.36 -23.45 -10.04
N VAL C 104 -9.42 -24.33 -9.05
CA VAL C 104 -10.62 -24.48 -8.25
C VAL C 104 -10.27 -24.42 -6.77
N THR C 105 -10.97 -23.54 -6.06
CA THR C 105 -10.78 -23.40 -4.61
C THR C 105 -12.04 -23.86 -3.88
N GLU C 106 -11.90 -24.91 -3.07
CA GLU C 106 -13.05 -25.47 -2.38
C GLU C 106 -12.92 -25.43 -0.86
N LEU C 107 -13.95 -24.97 -0.15
CA LEU C 107 -13.97 -25.07 1.32
C LEU C 107 -14.97 -26.10 1.87
N ASN C 108 -14.46 -26.98 2.72
CA ASN C 108 -15.29 -27.98 3.40
CA ASN C 108 -15.29 -27.98 3.40
C ASN C 108 -15.00 -27.98 4.89
N GLY C 109 -15.71 -27.13 5.62
CA GLY C 109 -15.55 -27.01 7.05
C GLY C 109 -14.32 -26.21 7.41
N ASP C 110 -13.26 -26.92 7.77
CA ASP C 110 -12.03 -26.25 8.13
C ASP C 110 -11.00 -26.47 7.08
N ILE C 111 -11.32 -27.33 6.11
CA ILE C 111 -10.37 -27.76 5.09
C ILE C 111 -10.57 -27.08 3.74
N ILE C 112 -9.55 -26.36 3.29
CA ILE C 112 -9.57 -25.80 1.94
C ILE C 112 -8.70 -26.62 0.95
N THR C 113 -9.29 -26.93 -0.20
CA THR C 113 -8.57 -27.65 -1.24
C THR C 113 -8.47 -26.78 -2.48
N ASN C 114 -7.25 -26.60 -2.97
CA ASN C 114 -7.01 -25.77 -4.12
C ASN C 114 -6.38 -26.60 -5.21
N THR C 115 -7.12 -26.81 -6.30
CA THR C 115 -6.64 -27.63 -7.40
C THR C 115 -6.29 -26.77 -8.61
N MET C 116 -5.05 -26.87 -9.06
CA MET C 116 -4.63 -26.18 -10.27
C MET C 116 -4.31 -27.20 -11.32
N THR C 117 -4.99 -27.11 -12.45
CA THR C 117 -4.79 -28.04 -13.54
C THR C 117 -4.14 -27.34 -14.71
N LEU C 118 -2.90 -27.74 -15.03
CA LEU C 118 -2.24 -27.32 -16.25
C LEU C 118 -2.07 -28.53 -17.17
N GLY C 119 -2.89 -28.58 -18.21
CA GLY C 119 -2.88 -29.71 -19.11
C GLY C 119 -3.39 -30.91 -18.35
N ASP C 120 -2.51 -31.89 -18.16
CA ASP C 120 -2.88 -33.13 -17.49
C ASP C 120 -2.34 -33.18 -16.07
N ILE C 121 -1.69 -32.09 -15.65
CA ILE C 121 -1.13 -32.01 -14.31
C ILE C 121 -2.06 -31.36 -13.29
N VAL C 122 -2.47 -32.14 -12.30
CA VAL C 122 -3.35 -31.64 -11.25
C VAL C 122 -2.55 -31.34 -9.99
N PHE C 123 -2.30 -30.06 -9.78
CA PHE C 123 -1.58 -29.59 -8.61
C PHE C 123 -2.62 -29.34 -7.52
N LYS C 124 -2.54 -30.13 -6.45
CA LYS C 124 -3.50 -30.03 -5.35
C LYS C 124 -2.81 -29.58 -4.06
N ARG C 125 -3.34 -28.55 -3.42
CA ARG C 125 -2.85 -28.12 -2.11
C ARG C 125 -3.97 -28.22 -1.07
N ILE C 126 -3.70 -28.91 0.03
CA ILE C 126 -4.70 -29.05 1.09
C ILE C 126 -4.29 -28.31 2.36
N SER C 127 -5.11 -27.36 2.78
CA SER C 127 -4.79 -26.51 3.93
C SER C 127 -5.91 -26.54 4.96
N LYS C 128 -5.55 -26.38 6.23
CA LYS C 128 -6.51 -26.46 7.35
C LYS C 128 -6.53 -25.18 8.15
N ARG C 129 -7.73 -24.73 8.50
CA ARG C 129 -7.97 -23.51 9.28
C ARG C 129 -7.09 -23.46 10.53
N ILE C 130 -6.47 -22.32 10.78
CA ILE C 130 -5.64 -22.19 11.97
C ILE C 130 -6.32 -21.36 13.04
N SER D 5 8.30 -19.30 25.61
CA SER D 5 8.81 -19.66 24.29
C SER D 5 8.43 -18.66 23.20
N PHE D 6 9.21 -18.65 22.12
CA PHE D 6 8.92 -17.82 20.96
C PHE D 6 7.95 -18.51 20.00
N SER D 7 7.75 -19.80 20.20
CA SER D 7 6.95 -20.62 19.29
C SER D 7 5.57 -20.02 18.99
N GLY D 8 5.11 -20.20 17.75
CA GLY D 8 3.78 -19.78 17.34
C GLY D 8 3.73 -19.18 15.96
N LYS D 9 2.53 -18.91 15.47
CA LYS D 9 2.35 -18.17 14.22
C LYS D 9 1.82 -16.77 14.53
N TYR D 10 2.26 -15.79 13.75
CA TYR D 10 2.03 -14.39 14.05
C TYR D 10 1.66 -13.69 12.76
N GLN D 11 0.55 -12.97 12.73
CA GLN D 11 0.24 -12.20 11.53
C GLN D 11 0.69 -10.76 11.64
N LEU D 12 1.34 -10.26 10.59
CA LEU D 12 1.74 -8.86 10.54
C LEU D 12 0.55 -7.95 10.80
N GLN D 13 0.75 -6.99 11.69
CA GLN D 13 -0.30 -6.05 12.07
C GLN D 13 -0.04 -4.74 11.39
N SER D 14 1.22 -4.33 11.37
CA SER D 14 1.60 -3.08 10.75
C SER D 14 3.09 -3.07 10.55
N GLN D 15 3.56 -2.24 9.64
CA GLN D 15 4.98 -2.05 9.50
C GLN D 15 5.32 -0.65 9.04
N GLU D 16 6.58 -0.29 9.24
CA GLU D 16 7.11 0.99 8.82
C GLU D 16 8.35 0.77 7.98
N ASN D 17 8.46 1.54 6.90
CA ASN D 17 9.65 1.55 6.04
C ASN D 17 9.92 0.28 5.25
N PHE D 18 8.87 -0.47 4.92
CA PHE D 18 8.99 -1.61 4.03
C PHE D 18 9.57 -1.19 2.68
N GLU D 19 9.00 -0.14 2.09
CA GLU D 19 9.44 0.30 0.78
C GLU D 19 10.85 0.85 0.80
N ALA D 20 11.15 1.74 1.74
CA ALA D 20 12.48 2.35 1.82
C ALA D 20 13.58 1.31 2.08
N PHE D 21 13.32 0.35 2.97
CA PHE D 21 14.30 -0.67 3.30
C PHE D 21 14.50 -1.67 2.17
N MET D 22 13.41 -2.14 1.58
CA MET D 22 13.50 -3.11 0.49
C MET D 22 14.22 -2.52 -0.70
N LYS D 23 13.95 -1.24 -0.96
CA LYS D 23 14.64 -0.50 -1.99
C LYS D 23 16.15 -0.44 -1.69
N ALA D 24 16.49 -0.12 -0.44
CA ALA D 24 17.89 0.04 -0.05
C ALA D 24 18.71 -1.23 -0.10
N ILE D 25 18.07 -2.39 0.07
CA ILE D 25 18.79 -3.66 -0.01
C ILE D 25 18.83 -4.22 -1.43
N GLY D 26 18.23 -3.49 -2.37
CA GLY D 26 18.31 -3.85 -3.78
C GLY D 26 17.23 -4.77 -4.31
N LEU D 27 16.13 -4.88 -3.57
CA LEU D 27 14.99 -5.63 -4.08
C LEU D 27 14.41 -4.93 -5.31
N PRO D 28 13.93 -5.70 -6.27
CA PRO D 28 13.31 -5.10 -7.46
C PRO D 28 12.05 -4.31 -7.11
N GLU D 29 11.88 -3.15 -7.73
CA GLU D 29 10.72 -2.28 -7.52
C GLU D 29 9.43 -3.05 -7.77
N GLU D 30 9.49 -3.98 -8.72
CA GLU D 30 8.37 -4.87 -9.02
C GLU D 30 7.93 -5.66 -7.79
N LEU D 31 8.91 -6.23 -7.10
CA LEU D 31 8.67 -7.05 -5.91
C LEU D 31 8.25 -6.20 -4.71
N ILE D 32 8.74 -4.97 -4.65
CA ILE D 32 8.35 -4.08 -3.57
C ILE D 32 6.88 -3.66 -3.67
N GLN D 33 6.48 -3.20 -4.85
CA GLN D 33 5.10 -2.77 -5.09
C GLN D 33 4.14 -3.92 -4.85
N LYS D 34 4.56 -5.12 -5.22
CA LYS D 34 3.72 -6.29 -4.99
C LYS D 34 3.66 -6.74 -3.53
N GLY D 35 4.71 -6.44 -2.75
CA GLY D 35 4.83 -6.96 -1.40
C GLY D 35 4.38 -6.05 -0.26
N LYS D 36 4.31 -4.75 -0.51
CA LYS D 36 4.09 -3.76 0.54
C LYS D 36 2.81 -3.93 1.37
N ASP D 37 1.72 -4.35 0.73
CA ASP D 37 0.42 -4.43 1.43
C ASP D 37 0.02 -5.85 1.83
N ILE D 38 0.95 -6.79 1.70
CA ILE D 38 0.73 -8.13 2.20
C ILE D 38 0.99 -8.12 3.70
N LYS D 39 -0.01 -8.54 4.46
CA LYS D 39 0.17 -8.76 5.88
C LYS D 39 0.06 -10.24 6.10
N GLY D 40 1.20 -10.92 6.06
CA GLY D 40 1.20 -12.35 6.06
C GLY D 40 1.44 -12.93 7.43
N VAL D 41 1.51 -14.24 7.48
CA VAL D 41 1.74 -14.95 8.73
C VAL D 41 3.16 -15.52 8.76
N SER D 42 3.87 -15.27 9.85
CA SER D 42 5.18 -15.85 10.07
C SER D 42 5.11 -16.90 11.19
N GLU D 43 5.92 -17.94 11.09
CA GLU D 43 5.90 -18.98 12.11
C GLU D 43 7.29 -19.24 12.67
N ILE D 44 7.34 -19.42 13.98
CA ILE D 44 8.58 -19.76 14.66
C ILE D 44 8.42 -21.10 15.35
N VAL D 45 9.36 -22.00 15.12
CA VAL D 45 9.40 -23.26 15.85
C VAL D 45 10.69 -23.28 16.69
N GLN D 46 10.54 -23.30 18.01
CA GLN D 46 11.68 -23.35 18.89
C GLN D 46 11.83 -24.75 19.49
N ASN D 47 13.06 -25.22 19.58
CA ASN D 47 13.37 -26.47 20.26
C ASN D 47 14.64 -26.28 21.06
N GLY D 48 14.50 -25.86 22.31
CA GLY D 48 15.64 -25.44 23.11
C GLY D 48 16.34 -24.25 22.48
N LYS D 49 17.62 -24.40 22.17
CA LYS D 49 18.42 -23.34 21.55
C LYS D 49 18.23 -23.25 20.05
N HIS D 50 17.48 -24.19 19.47
CA HIS D 50 17.28 -24.16 18.03
C HIS D 50 15.97 -23.52 17.58
N PHE D 51 16.07 -22.68 16.55
CA PHE D 51 14.92 -21.95 16.03
C PHE D 51 14.79 -22.21 14.55
N LYS D 52 13.57 -22.42 14.10
CA LYS D 52 13.26 -22.49 12.67
C LYS D 52 12.28 -21.35 12.36
N PHE D 53 12.71 -20.42 11.52
CA PHE D 53 11.89 -19.26 11.17
C PHE D 53 11.30 -19.41 9.76
N THR D 54 9.98 -19.39 9.66
CA THR D 54 9.34 -19.31 8.35
C THR D 54 8.66 -17.95 8.22
N ILE D 55 9.32 -17.02 7.51
CA ILE D 55 8.89 -15.62 7.45
C ILE D 55 8.30 -15.23 6.11
N THR D 56 7.09 -14.68 6.16
CA THR D 56 6.44 -14.06 5.01
C THR D 56 6.80 -12.59 5.00
N ALA D 57 7.67 -12.20 4.08
CA ALA D 57 8.09 -10.82 3.95
C ALA D 57 7.74 -10.36 2.55
N GLY D 58 6.71 -9.54 2.43
CA GLY D 58 6.19 -9.17 1.12
C GLY D 58 5.66 -10.41 0.40
N SER D 59 6.18 -10.67 -0.79
CA SER D 59 5.71 -11.79 -1.60
C SER D 59 6.66 -12.99 -1.52
N LYS D 60 7.61 -12.92 -0.61
CA LYS D 60 8.56 -14.00 -0.38
C LYS D 60 8.24 -14.75 0.93
N VAL D 61 8.43 -16.06 0.91
CA VAL D 61 8.40 -16.86 2.13
C VAL D 61 9.78 -17.47 2.32
N ILE D 62 10.52 -16.99 3.29
CA ILE D 62 11.90 -17.43 3.47
C ILE D 62 12.03 -18.25 4.74
N GLN D 63 12.64 -19.42 4.59
CA GLN D 63 12.92 -20.24 5.76
C GLN D 63 14.35 -20.03 6.21
N ASN D 64 14.55 -20.00 7.51
CA ASN D 64 15.88 -19.87 8.09
C ASN D 64 15.87 -20.64 9.38
N GLU D 65 17.03 -21.17 9.75
CA GLU D 65 17.15 -21.86 11.01
C GLU D 65 18.51 -21.61 11.59
N PHE D 66 18.58 -21.63 12.91
CA PHE D 66 19.82 -21.42 13.62
C PHE D 66 19.70 -21.99 15.02
N THR D 67 20.88 -22.26 15.58
CA THR D 67 21.04 -22.58 16.98
C THR D 67 21.69 -21.35 17.62
N VAL D 68 21.04 -20.78 18.62
CA VAL D 68 21.56 -19.55 19.24
C VAL D 68 23.00 -19.72 19.64
N GLY D 69 23.85 -18.78 19.23
CA GLY D 69 25.24 -18.76 19.63
C GLY D 69 26.16 -19.49 18.67
N GLU D 70 25.58 -20.25 17.75
CA GLU D 70 26.35 -20.95 16.74
C GLU D 70 26.29 -20.16 15.44
N GLU D 71 27.35 -20.25 14.65
CA GLU D 71 27.32 -19.61 13.35
C GLU D 71 26.31 -20.32 12.47
N CYS D 72 25.51 -19.54 11.76
CA CYS D 72 24.48 -20.09 10.93
C CYS D 72 24.61 -19.40 9.58
N GLU D 73 23.89 -19.90 8.59
CA GLU D 73 23.79 -19.22 7.32
C GLU D 73 22.33 -18.90 7.09
N LEU D 74 22.06 -17.62 6.84
CA LEU D 74 20.70 -17.15 6.65
C LEU D 74 20.51 -16.64 5.24
N GLU D 75 19.38 -17.02 4.64
CA GLU D 75 18.95 -16.46 3.38
C GLU D 75 18.30 -15.10 3.63
N THR D 76 18.90 -14.03 3.08
CA THR D 76 18.34 -12.69 3.24
C THR D 76 17.20 -12.46 2.25
N MET D 77 16.51 -11.33 2.40
CA MET D 77 15.35 -11.03 1.57
C MET D 77 15.70 -10.91 0.08
N THR D 78 16.98 -10.70 -0.22
CA THR D 78 17.42 -10.64 -1.61
C THR D 78 17.76 -12.04 -2.15
N GLY D 79 17.61 -13.05 -1.30
CA GLY D 79 17.97 -14.41 -1.66
C GLY D 79 19.41 -14.71 -1.31
N GLU D 80 20.14 -13.66 -0.93
CA GLU D 80 21.57 -13.72 -0.61
C GLU D 80 21.82 -14.46 0.68
N LYS D 81 22.84 -15.32 0.71
CA LYS D 81 23.18 -16.04 1.94
C LYS D 81 24.33 -15.37 2.67
N VAL D 82 24.18 -15.16 3.98
CA VAL D 82 25.25 -14.59 4.81
C VAL D 82 25.55 -15.44 6.05
N LYS D 83 26.81 -15.47 6.47
CA LYS D 83 27.17 -16.20 7.68
C LYS D 83 27.12 -15.25 8.87
N THR D 84 26.44 -15.68 9.93
CA THR D 84 26.30 -14.85 11.11
C THR D 84 26.01 -15.72 12.32
N VAL D 85 25.97 -15.10 13.49
CA VAL D 85 25.58 -15.78 14.71
C VAL D 85 24.40 -15.02 15.28
N VAL D 86 23.38 -15.73 15.72
CA VAL D 86 22.24 -15.10 16.36
C VAL D 86 22.30 -15.32 17.87
N GLN D 87 22.13 -14.24 18.62
CA GLN D 87 22.22 -14.34 20.08
C GLN D 87 20.94 -13.91 20.79
N LEU D 88 20.71 -14.46 21.97
CA LEU D 88 19.62 -14.02 22.84
C LEU D 88 20.03 -12.89 23.81
N GLU D 89 19.14 -11.93 24.02
CA GLU D 89 19.22 -10.99 25.14
C GLU D 89 17.94 -11.07 25.96
N GLY D 90 18.06 -11.16 27.29
CA GLY D 90 16.91 -11.39 28.13
C GLY D 90 16.33 -12.73 27.74
N ASP D 91 15.06 -12.94 28.04
CA ASP D 91 14.38 -14.17 27.61
C ASP D 91 13.77 -14.01 26.22
N ASN D 92 13.68 -12.78 25.75
CA ASN D 92 12.76 -12.45 24.65
C ASN D 92 13.32 -11.57 23.53
N LYS D 93 14.64 -11.47 23.42
CA LYS D 93 15.26 -10.65 22.38
C LYS D 93 16.31 -11.45 21.58
N LEU D 94 16.03 -11.68 20.30
CA LEU D 94 16.96 -12.38 19.41
C LEU D 94 17.69 -11.37 18.52
N VAL D 95 19.02 -11.37 18.58
CA VAL D 95 19.80 -10.33 17.92
C VAL D 95 20.90 -10.89 17.03
N THR D 96 21.03 -10.29 15.85
CA THR D 96 22.10 -10.65 14.91
C THR D 96 22.43 -9.43 14.05
N THR D 97 23.61 -9.47 13.45
CA THR D 97 24.04 -8.44 12.50
C THR D 97 24.64 -9.13 11.28
N PHE D 98 24.43 -8.54 10.11
CA PHE D 98 25.00 -9.03 8.86
C PHE D 98 24.92 -7.95 7.80
N LYS D 99 25.80 -7.99 6.81
CA LYS D 99 25.80 -7.04 5.70
C LYS D 99 25.56 -5.57 6.11
N ASN D 100 26.12 -5.20 7.27
CA ASN D 100 25.90 -3.91 7.90
C ASN D 100 24.41 -3.62 8.21
N ILE D 101 23.69 -4.67 8.57
CA ILE D 101 22.29 -4.57 8.97
C ILE D 101 22.12 -5.18 10.35
N LYS D 102 21.46 -4.45 11.24
CA LYS D 102 21.27 -4.88 12.60
C LYS D 102 19.80 -5.29 12.83
N SER D 103 19.59 -6.49 13.34
CA SER D 103 18.25 -7.04 13.45
C SER D 103 17.90 -7.45 14.88
N VAL D 104 16.75 -6.95 15.38
CA VAL D 104 16.29 -7.24 16.73
C VAL D 104 14.86 -7.74 16.68
N THR D 105 14.64 -8.93 17.22
CA THR D 105 13.29 -9.49 17.31
C THR D 105 12.91 -9.63 18.76
N GLU D 106 11.91 -8.87 19.19
CA GLU D 106 11.52 -8.88 20.59
C GLU D 106 10.09 -9.35 20.79
N LEU D 107 9.91 -10.33 21.68
CA LEU D 107 8.61 -10.88 21.98
C LEU D 107 8.06 -10.31 23.28
N ASN D 108 6.95 -9.59 23.19
CA ASN D 108 6.26 -9.09 24.38
C ASN D 108 4.85 -9.67 24.45
N GLY D 109 4.69 -10.77 25.19
CA GLY D 109 3.40 -11.41 25.30
C GLY D 109 2.95 -12.12 24.03
N ASP D 110 2.02 -11.50 23.31
CA ASP D 110 1.55 -12.07 22.06
C ASP D 110 2.02 -11.21 20.87
N ILE D 111 2.82 -10.19 21.18
CA ILE D 111 3.32 -9.28 20.16
C ILE D 111 4.81 -9.47 19.90
N ILE D 112 5.16 -9.72 18.64
CA ILE D 112 6.55 -9.67 18.22
C ILE D 112 6.80 -8.36 17.49
N THR D 113 7.80 -7.62 17.95
CA THR D 113 8.25 -6.43 17.25
C THR D 113 9.64 -6.69 16.71
N ASN D 114 9.75 -6.72 15.38
CA ASN D 114 11.04 -6.91 14.72
C ASN D 114 11.57 -5.62 14.11
N THR D 115 12.80 -5.28 14.45
CA THR D 115 13.35 -4.04 13.95
C THR D 115 14.65 -4.26 13.21
N MET D 116 14.64 -3.92 11.93
CA MET D 116 15.86 -3.97 11.12
C MET D 116 16.31 -2.55 10.78
N THR D 117 17.58 -2.29 11.00
CA THR D 117 18.14 -0.97 10.80
C THR D 117 19.26 -1.04 9.77
N LEU D 118 19.22 -0.13 8.80
CA LEU D 118 20.26 0.00 7.79
C LEU D 118 20.44 1.50 7.58
N GLY D 119 21.57 2.05 8.01
CA GLY D 119 21.78 3.49 7.98
C GLY D 119 20.76 4.13 8.91
N ASP D 120 20.11 5.22 8.47
CA ASP D 120 19.02 5.80 9.26
C ASP D 120 17.63 5.25 8.88
N ILE D 121 17.61 4.13 8.16
CA ILE D 121 16.34 3.45 7.90
C ILE D 121 16.06 2.39 8.98
N VAL D 122 14.94 2.56 9.65
CA VAL D 122 14.49 1.60 10.63
C VAL D 122 13.22 0.90 10.13
N PHE D 123 13.42 -0.32 9.67
CA PHE D 123 12.33 -1.13 9.18
C PHE D 123 11.70 -1.82 10.37
N LYS D 124 10.46 -1.49 10.66
CA LYS D 124 9.80 -2.01 11.86
C LYS D 124 8.54 -2.81 11.54
N ARG D 125 8.49 -4.03 12.04
CA ARG D 125 7.35 -4.91 11.83
CA ARG D 125 7.33 -4.87 11.83
C ARG D 125 6.76 -5.27 13.18
N ILE D 126 5.44 -5.12 13.29
CA ILE D 126 4.72 -5.52 14.50
C ILE D 126 3.75 -6.63 14.11
N SER D 127 3.86 -7.78 14.77
CA SER D 127 3.03 -8.93 14.46
C SER D 127 2.36 -9.47 15.71
N LYS D 128 1.20 -10.10 15.54
CA LYS D 128 0.44 -10.62 16.67
C LYS D 128 0.16 -12.11 16.55
N ARG D 129 0.25 -12.82 17.67
CA ARG D 129 -0.01 -14.26 17.72
C ARG D 129 -1.42 -14.58 17.27
N ILE D 130 -1.54 -15.64 16.46
CA ILE D 130 -2.84 -16.10 15.96
C ILE D 130 -2.99 -17.60 16.11
CL CL E . 2.80 -35.86 -4.96
C1 BEN F . 12.21 -20.19 -13.42
C2 BEN F . 11.51 -20.52 -14.59
C3 BEN F . 10.12 -20.41 -14.62
C4 BEN F . 9.44 -19.96 -13.50
C5 BEN F . 10.13 -19.63 -12.34
C6 BEN F . 11.52 -19.74 -12.31
C BEN F . 13.72 -20.33 -13.40
N1 BEN F . 14.28 -21.24 -14.03
N2 BEN F . 14.47 -19.49 -12.69
#